data_3IZZ
#
_entry.id   3IZZ
#
_cell.length_a   0
_cell.length_b   0
_cell.length_c   0
_cell.angle_alpha   90
_cell.angle_beta   90
_cell.angle_gamma   90
#
loop_
_entity.id
_entity.type
_entity.pdbx_description
1 polymer 'Helix 5, 14, 15 (Small Subunit)'
2 polymer 'Helix 18 (Small Subunit)'
3 polymer 'Helix 44 (Small Subunit)'
4 polymer 'Protein S12 (Small Subunit)'
5 polymer 'Helix 69, 71, 89, 92, 95 (Large Subunit)'
6 polymer 'Protein L14 (Large Subunit)'
#
loop_
_entity_poly.entity_id
_entity_poly.type
_entity_poly.pdbx_seq_one_letter_code
_entity_poly.pdbx_strand_id
1 'polyribonucleotide' CCUAACACAUGCCUCCUACGGGAGGCAGUGGGUUGCACAAUGGGCGCAAGCCUGAUGCA A
2 'polyribonucleotide' GUGCCAGCAGCCGCGGUAAUACGGAGGGCGCGAGCGUUACCCGGAUUCACUGGGCGUAAA D
3 'polyribonucleotide'
;CACCGCCCGUCACGCCAUGGGAGCGGGCUCUACCCGAAGUCGCCGGGAGCCUACGGGCAGGCGCCGAGGGUAGGGCCCGU
GACUGGGGCGAAGUCGUAAC
;
E
4 'polypeptide(L)'
;PTINQLVRKGREKVRKKSKVPALKGAPFRRGVCTVVRTVTPKKPNSALRKVAKVRLTSGYEVTAYIPGEGHNLQEHSVVL
IRGGRVKDLPGVRYHIVRGVYDAAGVKDRKKSRSKYGTKKPKEA
;
F
5 'polyribonucleotide'
;GGCCGUAACUAUAACGGUCUCGGGUAAGUUCCGACUGAUACCGCCCAAGAGUUCAUAUCGACGGCGGUGUUUGGAUGGCU
GUUCGCCAUCUGCUCCUAGUACGAGAGGACCGGAGUGG
;
B
6 'polypeptide(L)'
;IQEQTMLNVADNSGARRVMCIKVLGGSHRRYAGVGDIIKITIKEAIPRGKVKKGDVLKAVVVRTKKGVRRPDGSVIRFDG
NACVLLNNNSEQPIGTRIFGPVTRELRSEKFMKIISLAPEV
;
G
#
loop_
_chem_comp.id
_chem_comp.type
_chem_comp.name
_chem_comp.formula
A RNA linking ADENOSINE-5'-MONOPHOSPHATE 'C10 H14 N5 O7 P'
C RNA linking CYTIDINE-5'-MONOPHOSPHATE 'C9 H14 N3 O8 P'
G RNA linking GUANOSINE-5'-MONOPHOSPHATE 'C10 H14 N5 O8 P'
U RNA linking URIDINE-5'-MONOPHOSPHATE 'C9 H13 N2 O9 P'
#
# COMPACT_ATOMS: atom_id res chain seq x y z
N PRO D 1 -13.78 28.58 -43.15
CA PRO D 1 -12.34 28.86 -43.31
C PRO D 1 -12.05 28.72 -44.78
N THR D 2 -11.01 29.38 -45.26
CA THR D 2 -10.64 29.27 -46.66
C THR D 2 -10.05 27.89 -46.88
N ILE D 3 -9.98 27.45 -48.13
CA ILE D 3 -9.42 26.14 -48.36
C ILE D 3 -7.99 26.21 -47.91
N ASN D 4 -7.27 27.23 -48.34
CA ASN D 4 -5.87 27.39 -47.95
C ASN D 4 -5.71 27.31 -46.43
N GLN D 5 -6.62 27.94 -45.70
CA GLN D 5 -6.55 27.88 -44.24
C GLN D 5 -6.69 26.44 -43.78
N LEU D 6 -7.66 25.72 -44.32
CA LEU D 6 -7.83 24.32 -43.94
C LEU D 6 -6.52 23.61 -44.12
N VAL D 7 -5.94 23.75 -45.30
CA VAL D 7 -4.68 23.09 -45.55
C VAL D 7 -3.67 23.43 -44.46
N ARG D 8 -3.66 24.69 -44.04
CA ARG D 8 -2.71 25.13 -43.03
C ARG D 8 -3.02 24.61 -41.66
N LYS D 9 -4.20 24.91 -41.16
CA LYS D 9 -4.59 24.48 -39.82
C LYS D 9 -5.49 23.24 -39.81
N GLY D 10 -6.34 23.10 -40.82
CA GLY D 10 -7.19 21.92 -40.87
C GLY D 10 -8.22 21.80 -39.76
N ARG D 11 -9.11 20.83 -39.89
CA ARG D 11 -10.14 20.60 -38.90
C ARG D 11 -9.62 19.83 -37.68
N GLU D 12 -10.30 20.00 -36.55
CA GLU D 12 -9.92 19.36 -35.30
C GLU D 12 -10.90 18.28 -34.92
N LYS D 13 -10.43 17.04 -34.87
CA LYS D 13 -11.29 15.90 -34.54
C LYS D 13 -11.79 16.01 -33.12
N VAL D 14 -13.07 15.70 -32.92
CA VAL D 14 -13.67 15.78 -31.59
C VAL D 14 -13.18 14.67 -30.66
N ARG D 15 -12.95 15.01 -29.39
CA ARG D 15 -12.50 14.04 -28.39
C ARG D 15 -13.65 13.69 -27.46
N LYS D 16 -14.08 12.43 -27.48
CA LYS D 16 -15.16 12.04 -26.58
C LYS D 16 -14.58 11.88 -25.17
N LYS D 17 -15.35 12.22 -24.14
CA LYS D 17 -14.88 12.09 -22.78
C LYS D 17 -15.75 11.10 -22.03
N SER D 18 -15.13 10.01 -21.58
CA SER D 18 -15.83 8.96 -20.87
C SER D 18 -16.64 9.51 -19.74
N LYS D 19 -17.80 8.93 -19.51
CA LYS D 19 -18.65 9.40 -18.43
C LYS D 19 -18.75 8.31 -17.37
N VAL D 20 -17.78 7.40 -17.38
CA VAL D 20 -17.78 6.31 -16.41
C VAL D 20 -16.37 5.83 -16.10
N PRO D 21 -15.62 6.56 -15.26
CA PRO D 21 -14.29 6.00 -15.04
C PRO D 21 -14.23 4.71 -14.18
N ALA D 22 -14.87 3.67 -14.73
CA ALA D 22 -14.90 2.32 -14.16
C ALA D 22 -13.53 1.85 -14.59
N LEU D 23 -12.62 2.82 -14.62
CA LEU D 23 -11.23 2.65 -15.06
C LEU D 23 -11.15 1.60 -16.15
N LYS D 24 -9.94 1.24 -16.52
CA LYS D 24 -9.67 0.23 -17.52
C LYS D 24 -10.89 -0.01 -18.41
N GLY D 25 -11.66 1.05 -18.65
CA GLY D 25 -12.86 0.96 -19.46
C GLY D 25 -13.55 -0.40 -19.41
N ALA D 26 -13.63 -0.98 -18.21
CA ALA D 26 -14.27 -2.28 -18.03
C ALA D 26 -15.78 -2.13 -18.14
N PRO D 27 -16.49 -3.25 -18.31
CA PRO D 27 -17.96 -3.26 -18.43
C PRO D 27 -18.58 -3.16 -17.05
N PHE D 28 -17.85 -3.69 -16.07
CA PHE D 28 -18.27 -3.68 -14.68
C PHE D 28 -17.00 -3.64 -13.87
N ARG D 29 -17.13 -3.22 -12.62
CA ARG D 29 -15.98 -3.16 -11.73
C ARG D 29 -16.55 -3.43 -10.34
N ARG D 30 -15.89 -4.31 -9.59
CA ARG D 30 -16.33 -4.66 -8.26
C ARG D 30 -15.55 -3.93 -7.17
N GLY D 31 -16.24 -3.61 -6.08
CA GLY D 31 -15.62 -2.92 -4.97
C GLY D 31 -16.28 -3.26 -3.65
N VAL D 32 -15.98 -2.46 -2.63
CA VAL D 32 -16.55 -2.68 -1.31
C VAL D 32 -17.24 -1.43 -0.79
N CYS D 33 -18.34 -1.62 -0.08
CA CYS D 33 -19.09 -0.49 0.45
C CYS D 33 -18.41 0.21 1.61
N THR D 34 -18.53 1.54 1.62
CA THR D 34 -17.95 2.34 2.67
C THR D 34 -19.10 2.78 3.56
N VAL D 35 -20.18 3.23 2.91
CA VAL D 35 -21.37 3.69 3.60
C VAL D 35 -22.62 3.42 2.80
N VAL D 36 -23.67 2.96 3.48
CA VAL D 36 -24.94 2.69 2.83
C VAL D 36 -25.95 3.71 3.32
N ARG D 37 -25.67 4.98 3.03
CA ARG D 37 -26.53 6.08 3.44
C ARG D 37 -27.86 6.09 2.63
N THR D 38 -28.40 7.30 2.49
CA THR D 38 -29.64 7.58 1.76
C THR D 38 -29.52 9.01 1.33
N VAL D 39 -30.03 9.32 0.15
CA VAL D 39 -29.94 10.68 -0.36
C VAL D 39 -31.26 11.23 -0.88
N THR D 40 -31.41 12.55 -0.81
CA THR D 40 -32.62 13.17 -1.29
C THR D 40 -32.53 13.52 -2.77
N PRO D 41 -33.64 13.40 -3.50
CA PRO D 41 -33.72 13.69 -4.94
C PRO D 41 -33.35 15.16 -5.19
N LYS D 42 -33.42 15.54 -6.45
CA LYS D 42 -33.08 16.88 -6.90
C LYS D 42 -34.30 17.80 -7.19
N LYS D 43 -34.03 18.83 -7.97
CA LYS D 43 -34.98 19.86 -8.37
C LYS D 43 -36.46 19.66 -8.11
N PRO D 44 -37.09 18.65 -8.72
CA PRO D 44 -38.52 18.53 -8.44
C PRO D 44 -38.96 17.19 -7.86
N ASN D 45 -38.00 16.40 -7.37
CA ASN D 45 -38.36 15.11 -6.83
C ASN D 45 -38.12 14.99 -5.34
N SER D 46 -38.85 14.08 -4.72
CA SER D 46 -38.72 13.83 -3.30
C SER D 46 -38.75 12.32 -3.08
N ALA D 47 -37.94 11.84 -2.13
CA ALA D 47 -37.86 10.42 -1.79
C ALA D 47 -36.52 10.16 -1.14
N LEU D 48 -36.30 8.96 -0.64
CA LEU D 48 -35.04 8.69 0.01
C LEU D 48 -34.28 7.62 -0.76
N ARG D 49 -33.64 7.98 -1.86
CA ARG D 49 -32.90 7.01 -2.67
C ARG D 49 -31.80 6.27 -1.89
N LYS D 50 -31.72 4.96 -2.05
CA LYS D 50 -30.68 4.20 -1.35
C LYS D 50 -29.39 4.26 -2.16
N VAL D 51 -28.33 4.70 -1.51
CA VAL D 51 -27.05 4.85 -2.18
C VAL D 51 -25.92 4.15 -1.41
N ALA D 52 -24.72 4.14 -1.99
CA ALA D 52 -23.57 3.49 -1.35
C ALA D 52 -22.21 3.95 -1.89
N LYS D 53 -21.31 4.34 -0.98
CA LYS D 53 -19.96 4.74 -1.40
C LYS D 53 -19.27 3.41 -1.65
N VAL D 54 -18.49 3.34 -2.72
CA VAL D 54 -17.80 2.10 -3.04
C VAL D 54 -16.33 2.29 -3.34
N ARG D 55 -15.52 1.42 -2.75
CA ARG D 55 -14.07 1.41 -2.96
C ARG D 55 -13.89 0.42 -4.10
N LEU D 56 -13.58 0.91 -5.29
CA LEU D 56 -13.39 0.03 -6.46
C LEU D 56 -12.06 -0.68 -6.48
N THR D 57 -12.00 -1.78 -7.21
CA THR D 57 -10.75 -2.51 -7.32
C THR D 57 -9.94 -1.68 -8.31
N SER D 58 -10.62 -0.76 -9.00
CA SER D 58 -9.95 0.10 -9.97
C SER D 58 -9.22 1.22 -9.24
N GLY D 59 -9.29 1.21 -7.92
CA GLY D 59 -8.63 2.24 -7.15
C GLY D 59 -9.58 3.36 -6.81
N TYR D 60 -10.52 3.66 -7.71
CA TYR D 60 -11.48 4.74 -7.47
C TYR D 60 -12.46 4.37 -6.37
N GLU D 61 -13.09 5.38 -5.80
CA GLU D 61 -14.08 5.19 -4.74
C GLU D 61 -15.26 6.06 -5.13
N VAL D 62 -16.29 5.44 -5.68
CA VAL D 62 -17.45 6.21 -6.12
C VAL D 62 -18.78 5.87 -5.47
N THR D 63 -19.76 6.72 -5.72
CA THR D 63 -21.12 6.59 -5.20
C THR D 63 -21.99 5.88 -6.22
N ALA D 64 -22.57 4.75 -5.82
CA ALA D 64 -23.42 3.98 -6.71
C ALA D 64 -24.84 3.89 -6.19
N TYR D 65 -25.79 3.81 -7.11
CA TYR D 65 -27.19 3.70 -6.75
C TYR D 65 -27.62 2.25 -6.52
N ILE D 66 -28.55 2.03 -5.60
CA ILE D 66 -29.02 0.68 -5.33
C ILE D 66 -30.45 0.53 -5.85
N PRO D 67 -30.61 -0.12 -7.00
CA PRO D 67 -31.90 -0.35 -7.64
C PRO D 67 -32.72 -1.38 -6.88
N GLY D 68 -34.04 -1.27 -6.96
CA GLY D 68 -34.87 -2.25 -6.28
C GLY D 68 -35.68 -1.81 -5.08
N GLU D 69 -36.66 -2.63 -4.73
CA GLU D 69 -37.55 -2.40 -3.61
C GLU D 69 -36.78 -2.29 -2.30
N GLY D 70 -35.91 -3.24 -2.02
CA GLY D 70 -35.14 -3.19 -0.78
C GLY D 70 -33.87 -4.01 -0.79
N HIS D 71 -32.75 -3.38 -0.48
CA HIS D 71 -31.48 -4.10 -0.47
C HIS D 71 -31.10 -4.71 0.88
N ASN D 72 -29.95 -5.39 0.88
CA ASN D 72 -29.39 -6.04 2.06
C ASN D 72 -27.92 -5.65 2.05
N LEU D 73 -27.66 -4.43 1.64
CA LEU D 73 -26.29 -3.95 1.56
C LEU D 73 -25.82 -3.27 2.84
N GLN D 74 -24.71 -3.78 3.37
CA GLN D 74 -24.10 -3.27 4.60
C GLN D 74 -22.83 -2.50 4.32
N GLU D 75 -21.81 -2.79 5.12
CA GLU D 75 -20.53 -2.13 4.95
C GLU D 75 -19.61 -2.92 4.06
N HIS D 76 -18.71 -3.65 4.69
CA HIS D 76 -17.71 -4.45 4.00
C HIS D 76 -18.30 -5.46 3.04
N SER D 77 -19.49 -5.16 2.55
CA SER D 77 -20.18 -6.02 1.59
C SER D 77 -19.62 -5.76 0.18
N VAL D 78 -19.04 -6.83 -0.40
CA VAL D 78 -18.46 -6.79 -1.73
C VAL D 78 -19.59 -6.63 -2.73
N VAL D 79 -19.40 -5.74 -3.70
CA VAL D 79 -20.45 -5.53 -4.66
C VAL D 79 -19.93 -5.25 -6.08
N LEU D 80 -20.80 -5.34 -7.08
CA LEU D 80 -20.40 -5.07 -8.47
C LEU D 80 -21.11 -3.86 -9.09
N ILE D 81 -20.34 -2.83 -9.38
CA ILE D 81 -20.84 -1.59 -9.96
C ILE D 81 -20.99 -1.77 -11.47
N ARG D 82 -21.99 -1.13 -12.06
CA ARG D 82 -22.19 -1.30 -13.50
C ARG D 82 -22.35 -0.06 -14.34
N GLY D 83 -22.24 1.12 -13.75
CA GLY D 83 -22.39 2.30 -14.59
C GLY D 83 -23.79 2.54 -15.10
N GLY D 84 -24.32 3.72 -14.76
CA GLY D 84 -25.64 4.13 -15.14
C GLY D 84 -25.89 5.33 -14.25
N ARG D 85 -26.06 6.50 -14.84
CA ARG D 85 -26.31 7.70 -14.06
C ARG D 85 -27.70 7.58 -13.44
N VAL D 86 -28.09 8.61 -12.68
CA VAL D 86 -29.40 8.67 -12.04
C VAL D 86 -29.73 10.15 -12.00
N LYS D 87 -30.51 10.62 -12.97
CA LYS D 87 -30.87 12.04 -13.07
C LYS D 87 -31.07 12.81 -11.77
N ASP D 88 -31.54 12.14 -10.72
CA ASP D 88 -31.79 12.79 -9.43
C ASP D 88 -30.67 12.81 -8.42
N LEU D 89 -29.71 11.92 -8.57
CA LEU D 89 -28.61 11.85 -7.65
C LEU D 89 -27.32 12.22 -8.34
N PRO D 90 -26.96 13.50 -8.31
CA PRO D 90 -25.72 13.91 -8.95
C PRO D 90 -24.61 13.24 -8.15
N GLY D 91 -23.50 12.94 -8.81
CA GLY D 91 -22.41 12.28 -8.09
C GLY D 91 -22.70 10.80 -7.98
N VAL D 92 -23.63 10.33 -8.79
CA VAL D 92 -24.01 8.93 -8.83
C VAL D 92 -24.05 8.56 -10.31
N ARG D 93 -22.98 7.92 -10.78
CA ARG D 93 -22.86 7.55 -12.18
C ARG D 93 -22.99 6.08 -12.45
N TYR D 94 -23.19 5.28 -11.42
CA TYR D 94 -23.29 3.85 -11.61
C TYR D 94 -24.40 3.22 -10.78
N HIS D 95 -24.91 2.11 -11.26
CA HIS D 95 -25.94 1.38 -10.53
C HIS D 95 -25.21 0.19 -9.94
N ILE D 96 -25.82 -0.48 -8.97
CA ILE D 96 -25.18 -1.64 -8.38
C ILE D 96 -25.89 -2.88 -8.86
N VAL D 97 -25.15 -3.76 -9.50
CA VAL D 97 -25.77 -4.99 -9.99
C VAL D 97 -26.40 -5.71 -8.83
N ARG D 98 -27.67 -6.06 -8.95
CA ARG D 98 -28.30 -6.80 -7.87
C ARG D 98 -28.35 -8.25 -8.25
N GLY D 99 -27.80 -9.10 -7.41
CA GLY D 99 -27.78 -10.52 -7.70
C GLY D 99 -26.34 -10.97 -7.83
N VAL D 100 -25.42 -10.03 -7.66
CA VAL D 100 -24.00 -10.35 -7.74
C VAL D 100 -23.31 -10.00 -6.44
N TYR D 101 -22.41 -10.88 -6.01
CA TYR D 101 -21.67 -10.71 -4.78
C TYR D 101 -22.59 -10.57 -3.58
N ASP D 102 -22.27 -9.63 -2.68
CA ASP D 102 -23.07 -9.43 -1.48
C ASP D 102 -24.42 -8.74 -1.72
N ALA D 103 -24.68 -8.33 -2.95
CA ALA D 103 -25.95 -7.68 -3.26
C ALA D 103 -27.02 -8.71 -3.59
N ALA D 104 -27.82 -9.08 -2.60
CA ALA D 104 -28.89 -10.05 -2.81
C ALA D 104 -29.89 -9.47 -3.80
N GLY D 105 -30.48 -10.33 -4.61
CA GLY D 105 -31.46 -9.87 -5.58
C GLY D 105 -32.75 -9.45 -4.92
N VAL D 106 -33.60 -8.75 -5.67
CA VAL D 106 -34.88 -8.31 -5.12
C VAL D 106 -35.81 -9.48 -4.85
N LYS D 107 -36.29 -9.56 -3.61
CA LYS D 107 -37.21 -10.62 -3.22
C LYS D 107 -38.59 -10.24 -3.74
N ASP D 108 -39.38 -11.24 -4.10
CA ASP D 108 -40.74 -11.01 -4.58
C ASP D 108 -40.80 -10.19 -5.87
N ARG D 109 -39.92 -10.50 -6.80
CA ARG D 109 -39.92 -9.81 -8.08
C ARG D 109 -40.57 -10.79 -9.02
N LYS D 110 -41.40 -10.29 -9.93
CA LYS D 110 -42.06 -11.18 -10.87
C LYS D 110 -42.00 -10.62 -12.28
N LYS D 111 -41.61 -9.36 -12.39
CA LYS D 111 -41.51 -8.73 -13.71
C LYS D 111 -40.09 -8.74 -14.28
N SER D 112 -39.52 -7.55 -14.46
CA SER D 112 -38.17 -7.43 -15.04
C SER D 112 -37.07 -8.06 -14.17
N ARG D 113 -37.38 -9.22 -13.60
CA ARG D 113 -36.45 -9.93 -12.70
C ARG D 113 -34.99 -9.95 -13.14
N SER D 114 -34.75 -10.03 -14.44
CA SER D 114 -33.38 -10.10 -14.94
C SER D 114 -32.62 -8.84 -14.53
N LYS D 115 -33.29 -7.70 -14.59
CA LYS D 115 -32.64 -6.46 -14.22
C LYS D 115 -32.65 -6.31 -12.70
N TYR D 116 -32.87 -7.40 -11.98
CA TYR D 116 -32.86 -7.36 -10.53
C TYR D 116 -32.31 -8.65 -9.96
N GLY D 117 -31.59 -9.39 -10.80
CA GLY D 117 -30.99 -10.64 -10.39
C GLY D 117 -31.80 -11.44 -9.42
N THR D 118 -32.99 -11.86 -9.83
CA THR D 118 -33.87 -12.67 -9.00
C THR D 118 -34.29 -13.85 -9.85
N LYS D 119 -33.97 -15.06 -9.39
CA LYS D 119 -34.27 -16.28 -10.14
C LYS D 119 -35.73 -16.45 -10.56
N LYS D 120 -35.96 -17.46 -11.38
CA LYS D 120 -37.30 -17.77 -11.87
C LYS D 120 -38.14 -18.33 -10.72
N PRO D 121 -39.22 -17.64 -10.39
CA PRO D 121 -40.10 -18.07 -9.30
C PRO D 121 -40.75 -19.40 -9.62
N LYS D 122 -40.30 -20.45 -8.94
CA LYS D 122 -40.84 -21.80 -9.11
C LYS D 122 -42.35 -21.81 -8.91
N GLU D 123 -43.11 -21.66 -10.00
CA GLU D 123 -44.56 -21.64 -9.92
C GLU D 123 -45.11 -23.05 -9.85
N ALA D 124 -45.93 -23.28 -8.83
CA ALA D 124 -46.56 -24.58 -8.60
C ALA D 124 -48.04 -24.49 -8.96
N ILE F 1 28.73 3.65 18.67
CA ILE F 1 29.79 4.48 18.05
C ILE F 1 29.44 5.96 18.13
N GLN F 2 28.99 6.37 19.32
CA GLN F 2 28.60 7.75 19.55
C GLN F 2 27.47 8.17 18.65
N GLU F 3 26.64 9.07 19.14
CA GLU F 3 25.52 9.54 18.37
C GLU F 3 25.99 10.20 17.08
N GLN F 4 25.03 10.50 16.21
CA GLN F 4 25.30 11.04 14.89
C GLN F 4 26.02 9.85 14.28
N THR F 5 26.96 10.13 13.38
CA THR F 5 27.73 9.06 12.71
C THR F 5 26.87 8.42 11.63
N MET F 6 27.27 8.58 10.37
CA MET F 6 26.49 7.96 9.33
C MET F 6 26.88 6.52 9.13
N LEU F 7 25.86 5.67 9.09
CA LEU F 7 26.04 4.24 8.92
C LEU F 7 25.21 3.77 7.74
N ASN F 8 25.80 2.89 6.94
CA ASN F 8 25.11 2.36 5.78
C ASN F 8 24.35 1.12 6.15
N VAL F 9 23.35 0.82 5.34
CA VAL F 9 22.52 -0.35 5.50
C VAL F 9 23.32 -1.42 4.79
N ALA F 10 23.33 -2.63 5.35
CA ALA F 10 24.08 -3.72 4.73
C ALA F 10 23.11 -4.83 4.42
N ASP F 11 21.84 -4.58 4.71
CA ASP F 11 20.74 -5.51 4.50
C ASP F 11 19.80 -4.71 3.60
N ASN F 12 18.49 -4.63 3.89
CA ASN F 12 17.65 -3.84 3.00
C ASN F 12 16.31 -3.25 3.46
N SER F 13 15.67 -2.54 2.52
CA SER F 13 14.39 -1.83 2.67
C SER F 13 14.65 -0.58 3.48
N GLY F 14 15.32 0.39 2.84
CA GLY F 14 15.64 1.66 3.47
C GLY F 14 17.10 1.97 3.25
N ALA F 15 17.43 2.31 2.00
CA ALA F 15 18.79 2.59 1.55
C ALA F 15 19.69 3.62 2.23
N ARG F 16 20.94 3.58 1.77
CA ARG F 16 22.03 4.45 2.17
C ARG F 16 22.23 4.79 3.64
N ARG F 17 22.42 6.09 3.85
CA ARG F 17 22.64 6.67 5.15
C ARG F 17 21.56 6.37 6.16
N VAL F 18 22.02 6.07 7.36
CA VAL F 18 21.16 5.75 8.46
C VAL F 18 21.83 6.42 9.66
N MET F 19 21.07 7.19 10.42
CA MET F 19 21.62 7.90 11.57
C MET F 19 21.49 7.19 12.90
N CYS F 20 22.65 7.03 13.52
CA CYS F 20 22.81 6.44 14.83
C CYS F 20 22.46 7.66 15.68
N ILE F 21 21.57 7.48 16.65
CA ILE F 21 21.14 8.57 17.51
C ILE F 21 21.38 8.26 18.97
N LYS F 22 21.82 7.03 19.22
CA LYS F 22 22.09 6.58 20.57
C LYS F 22 23.01 5.37 20.55
N VAL F 23 23.35 4.91 21.74
CA VAL F 23 24.18 3.74 21.95
C VAL F 23 23.63 3.20 23.27
N LEU F 24 23.16 1.96 23.23
CA LEU F 24 22.56 1.35 24.40
C LEU F 24 23.62 0.89 25.40
N GLY F 25 23.57 -0.39 25.76
CA GLY F 25 24.55 -0.94 26.70
C GLY F 25 24.50 -0.28 28.06
N GLY F 26 23.78 0.84 28.17
CA GLY F 26 23.69 1.51 29.46
C GLY F 26 24.02 2.98 29.49
N SER F 27 24.15 3.50 30.70
CA SER F 27 24.48 4.89 30.97
C SER F 27 25.90 5.25 30.59
N HIS F 28 26.03 6.09 29.57
CA HIS F 28 27.30 6.59 29.07
C HIS F 28 28.15 5.76 28.15
N ARG F 29 27.54 4.77 27.50
CA ARG F 29 28.29 4.00 26.53
C ARG F 29 28.62 5.10 25.54
N ARG F 30 29.90 5.37 25.37
CA ARG F 30 30.28 6.39 24.43
C ARG F 30 30.12 5.80 23.05
N TYR F 31 30.87 4.72 22.81
CA TYR F 31 30.85 4.04 21.52
C TYR F 31 30.24 2.65 21.58
N ALA F 32 30.23 2.03 20.41
CA ALA F 32 29.70 0.68 20.20
C ALA F 32 29.96 0.32 18.74
N GLY F 33 30.97 -0.50 18.51
CA GLY F 33 31.28 -0.89 17.14
C GLY F 33 31.01 -2.36 16.90
N VAL F 34 32.08 -3.13 16.65
CA VAL F 34 31.99 -4.55 16.39
C VAL F 34 30.63 -5.07 15.90
N GLY F 35 29.73 -5.34 16.84
CA GLY F 35 28.42 -5.85 16.48
C GLY F 35 27.33 -5.60 17.50
N ASP F 36 27.41 -4.48 18.20
CA ASP F 36 26.44 -4.12 19.23
C ASP F 36 25.11 -3.61 18.65
N ILE F 37 24.09 -3.49 19.49
CA ILE F 37 22.80 -2.99 19.03
C ILE F 37 22.91 -1.47 19.07
N ILE F 38 22.35 -0.77 18.09
CA ILE F 38 22.43 0.68 18.05
C ILE F 38 21.17 1.32 17.49
N LYS F 39 20.59 2.24 18.25
CA LYS F 39 19.39 2.94 17.82
C LYS F 39 19.75 3.77 16.58
N ILE F 40 19.04 3.49 15.48
CA ILE F 40 19.29 4.15 14.21
C ILE F 40 18.14 5.07 13.77
N THR F 41 18.32 5.73 12.62
CA THR F 41 17.32 6.63 12.05
C THR F 41 17.55 6.77 10.56
N ILE F 42 16.65 6.20 9.76
CA ILE F 42 16.77 6.24 8.32
C ILE F 42 16.62 7.66 7.79
N LYS F 43 17.51 8.04 6.88
CA LYS F 43 17.48 9.38 6.34
C LYS F 43 17.42 9.47 4.81
N GLU F 44 17.54 8.34 4.13
CA GLU F 44 17.49 8.38 2.66
C GLU F 44 16.49 7.41 2.04
N ALA F 45 16.76 6.11 2.16
CA ALA F 45 15.88 5.08 1.63
C ALA F 45 15.53 5.17 0.14
N ILE F 46 15.36 4.00 -0.46
CA ILE F 46 14.99 3.81 -1.87
C ILE F 46 13.49 4.11 -1.88
N PRO F 47 12.96 4.68 -2.98
CA PRO F 47 11.52 4.94 -2.95
C PRO F 47 10.71 3.76 -2.42
N ARG F 48 11.04 2.55 -2.88
CA ARG F 48 10.33 1.36 -2.43
C ARG F 48 10.73 0.90 -1.03
N GLY F 49 10.44 -0.37 -0.73
CA GLY F 49 10.76 -0.93 0.56
C GLY F 49 9.58 -0.80 1.50
N LYS F 50 9.62 -1.52 2.62
CA LYS F 50 8.54 -1.47 3.59
C LYS F 50 8.92 -0.66 4.81
N VAL F 51 10.08 -0.02 4.72
CA VAL F 51 10.63 0.82 5.76
C VAL F 51 10.93 2.17 5.12
N LYS F 52 10.05 3.15 5.30
CA LYS F 52 10.27 4.44 4.68
C LYS F 52 11.50 5.25 5.10
N LYS F 53 11.26 6.55 5.27
CA LYS F 53 12.24 7.57 5.68
C LYS F 53 12.06 8.27 7.03
N GLY F 54 13.05 8.17 7.90
CA GLY F 54 12.92 8.81 9.19
C GLY F 54 12.18 7.94 10.17
N ASP F 55 12.51 6.65 10.15
CA ASP F 55 11.88 5.69 11.04
C ASP F 55 12.86 5.28 12.11
N VAL F 56 12.67 5.84 13.31
CA VAL F 56 13.50 5.57 14.48
C VAL F 56 13.44 4.10 14.90
N LEU F 57 14.48 3.34 14.54
CA LEU F 57 14.58 1.92 14.87
C LEU F 57 15.93 1.67 15.51
N LYS F 58 16.25 0.41 15.76
CA LYS F 58 17.55 0.07 16.31
C LYS F 58 18.18 -0.87 15.29
N ALA F 59 19.46 -1.16 15.45
CA ALA F 59 20.15 -2.03 14.51
C ALA F 59 21.46 -2.59 15.05
N VAL F 60 22.16 -3.33 14.20
CA VAL F 60 23.44 -3.91 14.57
C VAL F 60 24.56 -3.19 13.82
N VAL F 61 25.79 -3.56 14.11
CA VAL F 61 26.95 -2.96 13.45
C VAL F 61 27.73 -4.11 12.84
N VAL F 62 27.85 -4.14 11.52
CA VAL F 62 28.57 -5.20 10.84
C VAL F 62 30.04 -4.88 10.52
N ARG F 63 30.27 -3.91 9.63
CA ARG F 63 31.62 -3.54 9.26
C ARG F 63 31.92 -2.12 9.74
N THR F 64 32.88 -1.98 10.65
CA THR F 64 33.23 -0.67 11.19
C THR F 64 34.74 -0.42 11.25
N LYS F 65 35.17 0.68 10.63
CA LYS F 65 36.58 1.07 10.55
C LYS F 65 37.40 0.91 11.83
N LYS F 66 36.75 1.08 12.99
CA LYS F 66 37.44 0.97 14.27
C LYS F 66 38.18 -0.36 14.40
N GLY F 67 37.78 -1.31 13.57
CA GLY F 67 38.42 -2.61 13.59
C GLY F 67 37.83 -3.54 14.63
N VAL F 68 38.28 -4.78 14.56
CA VAL F 68 37.90 -5.88 15.44
C VAL F 68 39.11 -6.78 15.43
N ARG F 69 39.58 -7.19 16.60
CA ARG F 69 40.71 -8.08 16.61
C ARG F 69 40.46 -8.96 17.81
N ARG F 70 41.30 -9.96 18.00
CA ARG F 70 41.11 -10.84 19.12
C ARG F 70 42.29 -11.80 19.07
N PRO F 71 42.19 -12.99 19.70
CA PRO F 71 43.41 -13.75 19.55
C PRO F 71 44.75 -13.05 19.39
N ASP F 72 45.49 -13.62 18.44
CA ASP F 72 46.80 -13.22 17.98
C ASP F 72 47.00 -11.71 18.08
N GLY F 73 45.91 -11.00 17.89
CA GLY F 73 45.94 -9.55 17.96
C GLY F 73 45.81 -8.95 16.58
N SER F 74 45.92 -9.78 15.54
CA SER F 74 45.78 -9.28 14.17
C SER F 74 44.41 -8.62 14.15
N VAL F 75 44.21 -7.69 13.22
CA VAL F 75 42.94 -6.99 13.14
C VAL F 75 42.26 -6.99 11.78
N ILE F 76 40.92 -6.98 11.76
CA ILE F 76 40.22 -6.92 10.49
C ILE F 76 39.54 -5.57 10.59
N ARG F 77 39.98 -4.60 9.81
CA ARG F 77 39.28 -3.34 9.85
C ARG F 77 38.64 -3.28 8.47
N PHE F 78 37.42 -2.81 8.42
CA PHE F 78 36.66 -2.66 7.18
C PHE F 78 36.41 -1.18 7.24
N ASP F 79 36.78 -0.47 6.20
CA ASP F 79 36.51 0.96 6.10
C ASP F 79 35.16 1.05 5.43
N GLY F 80 34.19 1.20 6.31
CA GLY F 80 32.79 1.31 5.98
C GLY F 80 32.14 1.44 7.35
N ASN F 81 30.81 1.40 7.37
CA ASN F 81 30.06 1.52 8.61
C ASN F 81 28.72 0.83 8.46
N ALA F 82 28.72 -0.49 8.66
CA ALA F 82 27.53 -1.30 8.50
C ALA F 82 26.53 -1.34 9.64
N CYS F 83 25.27 -1.16 9.26
CA CYS F 83 24.12 -1.17 10.16
C CYS F 83 23.49 -2.56 10.12
N VAL F 84 22.43 -2.66 9.33
CA VAL F 84 21.63 -3.87 9.12
C VAL F 84 20.49 -3.82 10.13
N LEU F 85 19.52 -2.95 9.84
CA LEU F 85 18.37 -2.77 10.70
C LEU F 85 17.74 -4.10 11.13
N LEU F 86 17.04 -4.06 12.25
CA LEU F 86 16.36 -5.24 12.79
C LEU F 86 14.95 -4.79 13.17
N ASN F 87 13.93 -5.60 12.88
CA ASN F 87 12.58 -5.19 13.25
C ASN F 87 12.65 -4.97 14.76
N ASN F 88 12.41 -3.72 15.17
CA ASN F 88 12.55 -3.31 16.58
C ASN F 88 12.15 -4.14 17.82
N ASN F 89 10.97 -3.95 18.42
CA ASN F 89 10.70 -4.70 19.65
C ASN F 89 10.55 -6.23 19.71
N SER F 90 10.18 -6.85 18.59
CA SER F 90 10.13 -8.31 18.52
C SER F 90 11.51 -8.37 17.90
N GLU F 91 12.59 -8.20 18.66
CA GLU F 91 13.89 -8.20 18.02
C GLU F 91 14.20 -9.32 17.04
N GLN F 92 14.78 -8.93 15.91
CA GLN F 92 15.18 -9.85 14.85
C GLN F 92 15.61 -8.98 13.66
N PRO F 93 16.61 -9.45 12.89
CA PRO F 93 17.09 -8.70 11.72
C PRO F 93 16.10 -8.68 10.56
N ILE F 94 15.43 -7.54 10.38
CA ILE F 94 14.47 -7.39 9.30
C ILE F 94 15.21 -7.40 7.97
N GLY F 95 14.59 -7.97 6.95
CA GLY F 95 15.22 -8.02 5.64
C GLY F 95 15.20 -9.41 5.03
N THR F 96 15.96 -9.58 3.96
CA THR F 96 16.05 -10.86 3.25
C THR F 96 17.48 -11.31 3.34
N ARG F 97 18.34 -10.59 2.62
CA ARG F 97 19.75 -10.90 2.57
C ARG F 97 20.54 -9.76 3.18
N ILE F 98 21.84 -9.97 3.26
CA ILE F 98 22.80 -9.03 3.79
C ILE F 98 23.83 -8.89 2.68
N PHE F 99 24.45 -7.73 2.57
CA PHE F 99 25.44 -7.50 1.54
C PHE F 99 26.85 -7.60 2.10
N GLY F 100 27.83 -7.78 1.23
CA GLY F 100 29.21 -7.85 1.69
C GLY F 100 29.58 -8.88 2.74
N PRO F 101 30.77 -8.68 3.34
CA PRO F 101 31.39 -9.51 4.37
C PRO F 101 30.76 -9.22 5.73
N VAL F 102 31.06 -10.05 6.73
CA VAL F 102 30.51 -9.81 8.05
C VAL F 102 31.62 -10.16 9.03
N THR F 103 31.35 -10.07 10.32
CA THR F 103 32.36 -10.40 11.31
C THR F 103 32.07 -11.74 11.98
N ARG F 104 33.15 -12.40 12.41
CA ARG F 104 33.06 -13.71 13.06
C ARG F 104 32.53 -13.60 14.48
N GLU F 105 32.48 -12.37 15.01
CA GLU F 105 31.97 -12.15 16.36
C GLU F 105 30.48 -11.88 16.21
N LEU F 106 30.10 -11.44 15.02
CA LEU F 106 28.74 -11.10 14.66
C LEU F 106 27.94 -12.39 14.70
N ARG F 107 28.64 -13.51 14.50
CA ARG F 107 28.03 -14.84 14.51
C ARG F 107 27.53 -15.14 15.93
N SER F 108 27.59 -14.15 16.81
CA SER F 108 27.18 -14.37 18.19
C SER F 108 25.87 -15.13 18.38
N GLU F 109 25.98 -16.36 18.83
CA GLU F 109 24.82 -17.19 19.14
C GLU F 109 23.42 -16.80 18.70
N LYS F 110 22.82 -15.99 19.58
CA LYS F 110 21.49 -15.44 19.49
C LYS F 110 21.17 -14.67 18.22
N PHE F 111 22.21 -14.33 17.45
CA PHE F 111 22.03 -13.64 16.19
C PHE F 111 21.80 -14.79 15.20
N MET F 112 22.83 -15.12 14.41
CA MET F 112 22.81 -16.23 13.45
C MET F 112 22.13 -16.08 12.09
N LYS F 113 20.98 -15.41 12.02
CA LYS F 113 20.37 -15.27 10.71
C LYS F 113 21.40 -14.58 9.83
N ILE F 114 21.62 -13.29 10.09
CA ILE F 114 22.57 -12.51 9.30
C ILE F 114 23.84 -13.19 8.76
N ILE F 115 24.50 -14.07 9.53
CA ILE F 115 25.75 -14.69 9.08
C ILE F 115 25.63 -15.85 8.10
N SER F 116 24.43 -16.35 7.89
CA SER F 116 24.23 -17.44 6.93
C SER F 116 23.91 -16.77 5.59
N LEU F 117 24.18 -15.48 5.53
CA LEU F 117 23.99 -14.70 4.32
C LEU F 117 25.20 -13.79 4.16
N ALA F 118 25.19 -12.99 3.10
CA ALA F 118 26.30 -12.09 2.81
C ALA F 118 27.55 -12.96 2.68
N PRO F 119 27.40 -14.12 2.02
CA PRO F 119 28.55 -15.01 1.84
C PRO F 119 29.91 -14.36 2.07
N GLU F 120 30.39 -14.41 3.32
CA GLU F 120 31.70 -13.88 3.75
C GLU F 120 32.08 -13.81 5.22
N VAL F 121 33.22 -14.45 5.52
CA VAL F 121 33.81 -14.51 6.86
C VAL F 121 32.91 -15.12 7.92
#